data_6YUX
#
_entry.id   6YUX
#
_cell.length_a   68.491
_cell.length_b   68.611
_cell.length_c   145.969
_cell.angle_alpha   90.000
_cell.angle_beta   90.000
_cell.angle_gamma   90.000
#
_symmetry.space_group_name_H-M   'I 2 2 2'
#
loop_
_entity.id
_entity.type
_entity.pdbx_description
1 polymer 'Double Bond Reductase'
2 non-polymer 'NADP NICOTINAMIDE-ADENINE-DINUCLEOTIDE PHOSPHATE'
3 non-polymer (4S)-2-METHYL-2,4-PENTANEDIOL
4 non-polymer 1,2-ETHANEDIOL
5 non-polymer '3-(4-HYDROXY-3-METHOXYPHENYL)-2-PROPENOIC ACID'
6 non-polymer 'SODIUM ION'
7 water water
#
_entity_poly.entity_id   1
_entity_poly.type   'polypeptide(L)'
_entity_poly.pdbx_seq_one_letter_code
;MAAASTEGVISNKQVILKDYVTGFPKESDMQLTTATTKLKLPEGSKGVLVKNLYLSCDPYMRSRMTKREPGASYAASFDA
GSPIVGYGVAKVLESGDPKFKKGDLIWGMTGWEEYSVITSTESLFKIQHIDVPLSYYTGILGMPGMTAYAGFYEICNPKK
GETVFVSAASGAVGQLVGQFAKLLGCYVVGSAGSKEKVDLLKNKFGFDNAFNYKEEPDLDAALKRYFPEGIDIYFENVGG
VMLDAVLPNMRVHGRIAVCGLISQYNIDEPEGCHNLMYLIIKQVRMQGFLVFSYYHLYEKFLEMVLPAIKEGKLTYVEDV
VEGLESAPAALIGLYAGRNVGKQVVVVSRE
;
_entity_poly.pdbx_strand_id   A
#
loop_
_chem_comp.id
_chem_comp.type
_chem_comp.name
_chem_comp.formula
EDO non-polymer 1,2-ETHANEDIOL 'C2 H6 O2'
FER non-polymer '3-(4-HYDROXY-3-METHOXYPHENYL)-2-PROPENOIC ACID' 'C10 H10 O4'
MPD non-polymer (4S)-2-METHYL-2,4-PENTANEDIOL 'C6 H14 O2'
NA non-polymer 'SODIUM ION' 'Na 1'
NAP non-polymer 'NADP NICOTINAMIDE-ADENINE-DINUCLEOTIDE PHOSPHATE' 'C21 H28 N7 O17 P3'
#
# COMPACT_ATOMS: atom_id res chain seq x y z
N MET A 1 -32.77 -24.47 9.64
CA MET A 1 -33.33 -24.02 8.29
C MET A 1 -33.71 -22.52 8.15
N ALA A 2 -33.32 -21.82 7.05
CA ALA A 2 -33.63 -20.38 6.81
C ALA A 2 -34.33 -20.24 5.46
N ALA A 3 -35.56 -19.74 5.42
CA ALA A 3 -36.24 -19.41 4.13
C ALA A 3 -35.47 -18.31 3.39
N ALA A 4 -35.37 -18.41 2.07
CA ALA A 4 -34.95 -17.28 1.20
C ALA A 4 -35.99 -16.17 1.38
N SER A 5 -35.53 -14.92 1.30
CA SER A 5 -36.36 -13.70 1.39
C SER A 5 -37.30 -13.62 0.17
N THR A 6 -38.59 -13.33 0.39
CA THR A 6 -39.59 -13.12 -0.68
C THR A 6 -39.46 -11.68 -1.21
N GLU A 7 -38.46 -10.94 -0.76
CA GLU A 7 -38.21 -9.53 -1.16
C GLU A 7 -36.79 -9.41 -1.73
N GLY A 8 -36.10 -10.54 -1.96
CA GLY A 8 -34.71 -10.56 -2.49
C GLY A 8 -33.70 -9.92 -1.52
N VAL A 9 -33.97 -9.92 -0.20
CA VAL A 9 -32.98 -9.49 0.83
C VAL A 9 -31.90 -10.58 0.93
N ILE A 10 -30.60 -10.24 0.76
CA ILE A 10 -29.50 -11.18 1.12
C ILE A 10 -28.55 -10.59 2.18
N SER A 11 -27.78 -11.46 2.85
CA SER A 11 -26.83 -11.08 3.89
C SER A 11 -25.63 -10.33 3.28
N ASN A 12 -25.18 -9.30 3.97
CA ASN A 12 -23.97 -8.53 3.56
C ASN A 12 -23.12 -8.36 4.81
N LYS A 13 -22.09 -9.20 4.96
CA LYS A 13 -21.13 -9.07 6.07
C LYS A 13 -20.37 -7.75 5.87
N GLN A 14 -20.06 -7.08 6.93
CA GLN A 14 -19.38 -5.76 6.98
C GLN A 14 -18.39 -5.74 8.11
N VAL A 15 -17.37 -4.91 7.92
CA VAL A 15 -16.43 -4.54 9.00
C VAL A 15 -16.70 -3.07 9.31
N ILE A 16 -17.33 -2.80 10.46
CA ILE A 16 -17.68 -1.44 10.92
C ILE A 16 -16.52 -0.88 11.75
N LEU A 17 -16.31 0.42 11.69
CA LEU A 17 -15.50 1.16 12.66
C LEU A 17 -16.41 1.42 13.85
N LYS A 18 -16.13 0.79 14.98
CA LYS A 18 -17.07 0.95 16.10
C LYS A 18 -16.89 2.35 16.71
N ASP A 19 -15.65 2.74 16.97
CA ASP A 19 -15.41 4.12 17.46
C ASP A 19 -14.00 4.53 16.99
N TYR A 20 -13.83 5.82 17.05
CA TYR A 20 -12.56 6.48 16.73
C TYR A 20 -11.47 5.90 17.62
N VAL A 21 -10.26 5.96 17.11
CA VAL A 21 -9.06 5.34 17.69
C VAL A 21 -8.11 6.45 18.19
N THR A 22 -7.54 6.21 19.37
CA THR A 22 -6.41 6.95 20.00
C THR A 22 -5.29 5.94 20.13
N GLY A 23 -4.06 6.31 19.81
CA GLY A 23 -2.91 5.41 19.93
C GLY A 23 -3.03 4.31 18.89
N PHE A 24 -2.58 3.11 19.22
CA PHE A 24 -2.57 1.98 18.26
C PHE A 24 -3.95 1.39 18.17
N PRO A 25 -4.33 0.97 16.96
CA PRO A 25 -5.63 0.35 16.77
C PRO A 25 -5.64 -1.09 17.29
N LYS A 26 -6.81 -1.54 17.72
CA LYS A 26 -7.03 -2.88 18.24
C LYS A 26 -8.09 -3.56 17.39
N GLU A 27 -8.08 -4.89 17.30
CA GLU A 27 -9.19 -5.60 16.64
C GLU A 27 -10.54 -5.15 17.14
N SER A 28 -10.68 -4.86 18.42
CA SER A 28 -12.00 -4.55 19.03
C SER A 28 -12.44 -3.14 18.67
N ASP A 29 -11.62 -2.37 17.98
CA ASP A 29 -12.06 -1.05 17.48
C ASP A 29 -12.99 -1.24 16.25
N MET A 30 -12.99 -2.44 15.69
CA MET A 30 -13.80 -2.81 14.54
C MET A 30 -14.80 -3.86 15.00
N GLN A 31 -15.89 -3.97 14.28
CA GLN A 31 -16.94 -4.97 14.55
C GLN A 31 -17.34 -5.62 13.23
N LEU A 32 -17.25 -6.93 13.21
CA LEU A 32 -17.89 -7.71 12.15
C LEU A 32 -19.39 -7.74 12.39
N THR A 33 -20.15 -7.47 11.35
CA THR A 33 -21.64 -7.48 11.48
C THR A 33 -22.21 -8.11 10.22
N THR A 34 -23.43 -8.52 10.27
CA THR A 34 -24.17 -8.95 9.09
C THR A 34 -25.32 -7.98 8.86
N ALA A 35 -25.19 -7.19 7.82
CA ALA A 35 -26.25 -6.32 7.33
C ALA A 35 -27.06 -7.12 6.30
N THR A 36 -28.14 -6.53 5.85
CA THR A 36 -28.93 -7.07 4.72
C THR A 36 -28.82 -6.07 3.58
N THR A 37 -28.96 -6.59 2.38
CA THR A 37 -28.97 -5.75 1.15
C THR A 37 -29.95 -6.34 0.15
N LYS A 38 -30.59 -5.48 -0.60
CA LYS A 38 -31.19 -5.83 -1.91
C LYS A 38 -30.09 -5.40 -2.87
N LEU A 39 -29.66 -6.33 -3.65
CA LEU A 39 -28.72 -6.03 -4.72
C LEU A 39 -29.42 -5.24 -5.81
N LYS A 40 -29.69 -3.95 -5.55
CA LYS A 40 -30.31 -3.04 -6.54
C LYS A 40 -29.72 -1.64 -6.40
N LEU A 41 -29.34 -1.01 -7.49
CA LEU A 41 -28.83 0.38 -7.41
C LEU A 41 -29.96 1.29 -7.06
N PRO A 42 -29.68 2.33 -6.23
CA PRO A 42 -30.64 3.39 -5.96
C PRO A 42 -31.08 3.98 -7.30
N GLU A 43 -32.34 4.30 -7.34
CA GLU A 43 -32.92 5.08 -8.43
C GLU A 43 -32.06 6.30 -8.84
N GLY A 44 -31.81 6.47 -10.15
CA GLY A 44 -31.05 7.58 -10.70
C GLY A 44 -29.54 7.41 -10.55
N SER A 45 -29.04 6.35 -9.91
CA SER A 45 -27.59 6.16 -9.63
C SER A 45 -26.83 6.21 -10.95
N LYS A 46 -25.72 6.95 -10.94
CA LYS A 46 -24.74 6.94 -12.06
C LYS A 46 -23.58 6.07 -11.61
N GLY A 47 -23.74 5.32 -10.52
CA GLY A 47 -22.63 4.52 -10.03
C GLY A 47 -22.77 3.02 -10.29
N VAL A 48 -22.09 2.23 -9.46
CA VAL A 48 -22.06 0.75 -9.65
C VAL A 48 -22.42 0.11 -8.31
N LEU A 49 -23.09 -1.03 -8.43
CA LEU A 49 -23.27 -1.99 -7.33
C LEU A 49 -22.27 -3.09 -7.61
N VAL A 50 -21.37 -3.35 -6.65
CA VAL A 50 -20.29 -4.31 -6.87
C VAL A 50 -20.28 -5.39 -5.78
N LYS A 51 -19.73 -6.54 -6.18
CA LYS A 51 -19.34 -7.60 -5.26
C LYS A 51 -17.86 -7.42 -4.99
N ASN A 52 -17.47 -7.25 -3.72
CA ASN A 52 -16.04 -7.00 -3.40
C ASN A 52 -15.31 -8.34 -3.42
N LEU A 53 -14.19 -8.38 -4.09
CA LEU A 53 -13.38 -9.60 -4.25
C LEU A 53 -12.17 -9.54 -3.34
N TYR A 54 -11.38 -8.49 -3.44
CA TYR A 54 -10.14 -8.32 -2.63
C TYR A 54 -10.16 -6.93 -2.03
N LEU A 55 -9.63 -6.85 -0.81
CA LEU A 55 -9.46 -5.57 -0.11
C LEU A 55 -7.97 -5.40 0.20
N SER A 56 -7.53 -4.16 0.11
CA SER A 56 -6.15 -3.77 0.47
C SER A 56 -6.15 -3.37 1.96
N CYS A 57 -5.15 -3.80 2.68
CA CYS A 57 -4.76 -3.14 3.93
C CYS A 57 -3.60 -2.21 3.57
N ASP A 58 -3.77 -0.90 3.83
CA ASP A 58 -2.73 0.11 3.52
C ASP A 58 -2.44 0.94 4.77
N PRO A 59 -1.16 1.26 5.03
CA PRO A 59 -0.86 2.05 6.24
C PRO A 59 -1.61 3.35 6.46
N TYR A 60 -2.01 4.05 5.41
CA TYR A 60 -2.64 5.37 5.58
C TYR A 60 -4.00 5.19 6.28
N MET A 61 -4.57 3.99 6.26
CA MET A 61 -5.98 3.83 6.73
C MET A 61 -6.05 4.16 8.24
N ARG A 62 -5.00 3.94 9.01
CA ARG A 62 -5.05 4.26 10.46
C ARG A 62 -5.46 5.73 10.65
N SER A 63 -4.94 6.63 9.84
CA SER A 63 -5.19 8.08 10.04
C SER A 63 -6.69 8.34 9.93
N ARG A 64 -7.43 7.56 9.12
CA ARG A 64 -8.88 7.81 8.90
C ARG A 64 -9.69 7.33 10.11
N MET A 65 -9.07 6.60 11.04
CA MET A 65 -9.75 6.11 12.27
C MET A 65 -9.71 7.16 13.38
N THR A 66 -8.99 8.27 13.17
CA THR A 66 -8.96 9.43 14.11
C THR A 66 -10.09 10.38 13.73
N LYS A 67 -10.89 10.86 14.66
CA LYS A 67 -11.96 11.83 14.29
C LYS A 67 -11.38 13.23 14.01
N ARG A 68 -11.78 13.87 12.90
CA ARG A 68 -11.40 15.25 12.50
C ARG A 68 -12.56 15.96 11.79
N ALA A 75 -7.81 13.22 3.02
CA ALA A 75 -9.06 12.42 2.99
C ALA A 75 -9.88 12.71 4.26
N ALA A 76 -11.21 12.63 4.19
CA ALA A 76 -12.09 12.72 5.37
C ALA A 76 -11.91 11.46 6.26
N SER A 77 -12.11 11.60 7.58
CA SER A 77 -12.21 10.45 8.52
C SER A 77 -13.22 9.42 8.05
N PHE A 78 -13.02 8.16 8.46
CA PHE A 78 -14.10 7.17 8.50
C PHE A 78 -15.25 7.71 9.40
N ASP A 79 -16.45 7.24 9.12
CA ASP A 79 -17.64 7.47 9.99
C ASP A 79 -17.79 6.32 10.98
N ALA A 80 -17.70 6.60 12.30
CA ALA A 80 -18.07 5.58 13.31
C ALA A 80 -19.44 5.01 12.98
N GLY A 81 -19.59 3.67 13.04
CA GLY A 81 -20.91 3.04 12.75
C GLY A 81 -21.09 2.66 11.31
N SER A 82 -20.14 2.98 10.45
CA SER A 82 -20.20 2.67 9.02
C SER A 82 -19.05 1.74 8.68
N PRO A 83 -19.14 1.02 7.55
CA PRO A 83 -18.05 0.17 7.11
C PRO A 83 -16.76 1.00 6.92
N ILE A 84 -15.62 0.37 7.25
CA ILE A 84 -14.31 0.82 6.79
C ILE A 84 -14.41 0.90 5.24
N VAL A 85 -13.71 1.86 4.63
CA VAL A 85 -13.58 1.96 3.16
C VAL A 85 -12.08 1.93 2.85
N GLY A 86 -11.74 1.42 1.68
CA GLY A 86 -10.37 1.44 1.20
C GLY A 86 -10.27 0.83 -0.17
N TYR A 87 -9.07 0.80 -0.73
CA TYR A 87 -8.91 0.29 -2.09
C TYR A 87 -9.23 -1.21 -2.11
N GLY A 88 -9.89 -1.60 -3.18
CA GLY A 88 -10.20 -2.99 -3.42
C GLY A 88 -10.42 -3.28 -4.90
N VAL A 89 -10.70 -4.55 -5.17
CA VAL A 89 -10.97 -5.09 -6.53
C VAL A 89 -12.35 -5.71 -6.40
N ALA A 90 -13.24 -5.39 -7.32
CA ALA A 90 -14.66 -5.74 -7.23
C ALA A 90 -15.20 -6.12 -8.61
N LYS A 91 -16.31 -6.83 -8.60
CA LYS A 91 -17.05 -7.21 -9.82
C LYS A 91 -18.34 -6.44 -9.91
N VAL A 92 -18.60 -5.82 -11.04
CA VAL A 92 -19.86 -5.05 -11.21
C VAL A 92 -21.07 -5.97 -11.32
N LEU A 93 -22.09 -5.67 -10.52
CA LEU A 93 -23.38 -6.37 -10.60
C LEU A 93 -24.39 -5.57 -11.40
N GLU A 94 -24.37 -4.24 -11.24
CA GLU A 94 -25.32 -3.33 -11.93
C GLU A 94 -24.63 -1.98 -12.02
N SER A 95 -24.91 -1.24 -13.09
CA SER A 95 -24.27 0.05 -13.32
C SER A 95 -25.24 1.06 -13.90
N GLY A 96 -25.14 2.29 -13.44
CA GLY A 96 -25.78 3.49 -14.01
C GLY A 96 -24.92 4.16 -15.06
N ASP A 97 -23.71 3.66 -15.33
CA ASP A 97 -22.75 4.26 -16.27
C ASP A 97 -22.41 3.18 -17.27
N PRO A 98 -22.80 3.33 -18.58
CA PRO A 98 -22.65 2.24 -19.54
C PRO A 98 -21.20 1.93 -19.92
N LYS A 99 -20.24 2.67 -19.41
CA LYS A 99 -18.83 2.20 -19.40
C LYS A 99 -18.69 0.85 -18.71
N PHE A 100 -19.46 0.60 -17.65
CA PHE A 100 -19.39 -0.64 -16.84
C PHE A 100 -20.64 -1.47 -17.04
N LYS A 101 -20.47 -2.76 -17.21
CA LYS A 101 -21.55 -3.76 -17.32
C LYS A 101 -21.30 -4.87 -16.31
N LYS A 102 -22.35 -5.58 -15.99
CA LYS A 102 -22.34 -6.77 -15.15
C LYS A 102 -21.16 -7.63 -15.60
N GLY A 103 -20.37 -8.01 -14.62
CA GLY A 103 -19.24 -8.93 -14.84
C GLY A 103 -17.92 -8.19 -15.04
N ASP A 104 -17.95 -6.86 -15.26
CA ASP A 104 -16.68 -6.11 -15.38
C ASP A 104 -15.97 -6.11 -14.04
N LEU A 105 -14.65 -6.06 -14.09
CA LEU A 105 -13.78 -5.98 -12.91
C LEU A 105 -13.25 -4.55 -12.80
N ILE A 106 -13.24 -4.04 -11.58
CA ILE A 106 -12.79 -2.67 -11.29
C ILE A 106 -11.81 -2.71 -10.11
N TRP A 107 -11.01 -1.63 -10.01
CA TRP A 107 -10.36 -1.31 -8.74
C TRP A 107 -10.61 0.14 -8.41
N GLY A 108 -10.56 0.39 -7.12
CA GLY A 108 -10.78 1.74 -6.59
C GLY A 108 -11.28 1.63 -5.15
N MET A 109 -11.72 2.75 -4.62
CA MET A 109 -12.20 2.80 -3.23
C MET A 109 -13.58 2.12 -3.12
N THR A 110 -13.67 1.19 -2.19
CA THR A 110 -14.89 0.39 -1.97
C THR A 110 -15.08 0.14 -0.48
N GLY A 111 -16.18 -0.52 -0.10
CA GLY A 111 -16.46 -0.78 1.28
C GLY A 111 -15.89 -2.08 1.76
N TRP A 112 -15.62 -2.13 3.09
CA TRP A 112 -15.25 -3.37 3.78
C TRP A 112 -16.52 -4.16 4.06
N GLU A 113 -17.00 -4.81 3.03
CA GLU A 113 -18.30 -5.51 3.06
C GLU A 113 -18.35 -6.43 1.85
N GLU A 114 -19.30 -7.31 1.78
CA GLU A 114 -19.41 -8.26 0.63
C GLU A 114 -19.93 -7.53 -0.61
N TYR A 115 -20.79 -6.52 -0.44
CA TYR A 115 -21.44 -5.81 -1.57
C TYR A 115 -21.44 -4.32 -1.24
N SER A 116 -21.06 -3.48 -2.19
CA SER A 116 -20.98 -2.02 -2.00
C SER A 116 -21.74 -1.34 -3.17
N VAL A 117 -22.28 -0.18 -2.84
CA VAL A 117 -22.71 0.80 -3.84
C VAL A 117 -21.67 1.91 -3.84
N ILE A 118 -21.11 2.13 -5.03
CA ILE A 118 -20.10 3.19 -5.22
C ILE A 118 -20.78 4.25 -6.06
N THR A 119 -20.99 5.45 -5.51
CA THR A 119 -22.01 6.38 -6.06
C THR A 119 -21.52 7.00 -7.35
N SER A 120 -20.21 7.17 -7.52
CA SER A 120 -19.63 7.76 -8.73
C SER A 120 -18.60 6.78 -9.29
N THR A 121 -18.50 6.66 -10.62
CA THR A 121 -17.47 5.82 -11.27
C THR A 121 -16.23 6.62 -11.68
N GLU A 122 -16.18 7.93 -11.46
CA GLU A 122 -15.09 8.78 -11.98
C GLU A 122 -13.73 8.31 -11.45
N SER A 123 -13.67 7.77 -10.22
CA SER A 123 -12.40 7.33 -9.59
C SER A 123 -12.31 5.81 -9.55
N LEU A 124 -12.95 5.12 -10.47
CA LEU A 124 -12.77 3.67 -10.62
C LEU A 124 -11.97 3.41 -11.86
N PHE A 125 -11.19 2.35 -11.82
CA PHE A 125 -10.47 1.91 -13.05
C PHE A 125 -11.07 0.58 -13.50
N LYS A 126 -11.49 0.49 -14.77
CA LYS A 126 -11.97 -0.79 -15.32
C LYS A 126 -10.77 -1.64 -15.76
N ILE A 127 -10.64 -2.79 -15.16
CA ILE A 127 -9.52 -3.73 -15.41
C ILE A 127 -9.73 -4.35 -16.80
N GLN A 128 -8.70 -4.43 -17.59
CA GLN A 128 -8.74 -5.10 -18.93
C GLN A 128 -7.83 -6.32 -18.91
N HIS A 129 -6.66 -6.19 -18.32
CA HIS A 129 -5.62 -7.26 -18.31
C HIS A 129 -5.87 -8.15 -17.10
N ILE A 130 -6.28 -9.40 -17.35
CA ILE A 130 -6.69 -10.38 -16.31
C ILE A 130 -5.80 -11.61 -16.42
N ASP A 131 -4.68 -11.50 -17.09
CA ASP A 131 -3.64 -12.58 -17.12
C ASP A 131 -2.61 -12.37 -16.01
N VAL A 132 -3.04 -11.80 -14.89
CA VAL A 132 -2.25 -11.69 -13.64
C VAL A 132 -3.22 -11.98 -12.51
N PRO A 133 -2.74 -12.27 -11.30
CA PRO A 133 -3.64 -12.43 -10.16
C PRO A 133 -4.44 -11.13 -9.95
N LEU A 134 -5.76 -11.25 -9.77
CA LEU A 134 -6.60 -10.01 -9.69
C LEU A 134 -6.15 -9.23 -8.46
N SER A 135 -5.66 -9.90 -7.40
CA SER A 135 -5.17 -9.21 -6.19
C SER A 135 -4.07 -8.21 -6.51
N TYR A 136 -3.41 -8.35 -7.67
CA TYR A 136 -2.35 -7.40 -8.03
C TYR A 136 -2.89 -5.98 -8.13
N TYR A 137 -4.17 -5.80 -8.46
CA TYR A 137 -4.77 -4.48 -8.59
C TYR A 137 -5.04 -3.82 -7.21
N THR A 138 -4.63 -4.42 -6.11
CA THR A 138 -4.48 -3.75 -4.82
C THR A 138 -3.06 -3.37 -4.48
N GLY A 139 -2.10 -3.78 -5.28
CA GLY A 139 -0.67 -3.63 -4.94
C GLY A 139 0.12 -3.17 -6.15
N ILE A 140 0.87 -4.06 -6.75
CA ILE A 140 1.81 -3.72 -7.86
C ILE A 140 1.07 -3.01 -9.00
N LEU A 141 -0.18 -3.41 -9.28
CA LEU A 141 -0.95 -2.78 -10.40
C LEU A 141 -1.94 -1.72 -9.88
N GLY A 142 -1.96 -1.44 -8.57
CA GLY A 142 -2.80 -0.43 -7.96
C GLY A 142 -2.03 0.70 -7.35
N MET A 143 -2.58 1.20 -6.27
CA MET A 143 -2.09 2.43 -5.65
C MET A 143 -0.65 2.26 -5.14
N PRO A 144 -0.27 1.12 -4.50
CA PRO A 144 1.15 1.00 -4.05
C PRO A 144 2.15 0.98 -5.20
N GLY A 145 1.81 0.31 -6.31
CA GLY A 145 2.70 0.26 -7.47
C GLY A 145 2.87 1.66 -8.03
N MET A 146 1.79 2.39 -8.20
CA MET A 146 1.82 3.79 -8.64
C MET A 146 2.72 4.62 -7.71
N THR A 147 2.60 4.38 -6.41
CA THR A 147 3.42 5.14 -5.42
C THR A 147 4.91 4.87 -5.66
N ALA A 148 5.27 3.61 -5.83
CA ALA A 148 6.67 3.26 -6.05
C ALA A 148 7.14 3.95 -7.35
N TYR A 149 6.38 3.87 -8.43
CA TYR A 149 6.75 4.37 -9.75
C TYR A 149 6.96 5.88 -9.66
N ALA A 150 5.97 6.60 -9.15
CA ALA A 150 6.07 8.05 -9.02
C ALA A 150 7.19 8.46 -8.08
N GLY A 151 7.19 7.87 -6.88
CA GLY A 151 8.22 8.27 -5.92
C GLY A 151 9.60 8.06 -6.50
N PHE A 152 9.88 6.87 -7.01
CA PHE A 152 11.25 6.58 -7.49
C PHE A 152 11.56 7.42 -8.74
N TYR A 153 10.78 7.29 -9.78
CA TYR A 153 11.17 7.87 -11.08
C TYR A 153 10.96 9.41 -11.07
N GLU A 154 9.92 9.91 -10.44
CA GLU A 154 9.53 11.36 -10.54
C GLU A 154 10.14 12.16 -9.38
N ILE A 155 10.37 11.60 -8.19
CA ILE A 155 10.89 12.38 -7.05
C ILE A 155 12.39 12.14 -6.86
N CYS A 156 12.91 10.94 -7.07
CA CYS A 156 14.29 10.65 -6.64
C CYS A 156 15.32 11.06 -7.70
N ASN A 157 14.93 11.41 -8.94
CA ASN A 157 15.91 11.69 -10.00
C ASN A 157 17.01 10.67 -10.00
N PRO A 158 16.65 9.38 -10.12
CA PRO A 158 17.62 8.32 -9.96
C PRO A 158 18.50 8.18 -11.20
N LYS A 159 19.69 7.70 -10.99
CA LYS A 159 20.68 7.56 -12.07
C LYS A 159 21.43 6.24 -11.90
N LYS A 160 21.85 5.68 -13.02
CA LYS A 160 22.71 4.46 -13.01
C LYS A 160 23.89 4.71 -12.08
N GLY A 161 24.22 3.75 -11.25
CA GLY A 161 25.39 3.75 -10.38
C GLY A 161 25.13 4.45 -9.05
N GLU A 162 23.98 5.07 -8.86
CA GLU A 162 23.70 5.71 -7.57
C GLU A 162 23.38 4.65 -6.51
N THR A 163 23.66 5.01 -5.28
CA THR A 163 23.35 4.16 -4.10
C THR A 163 21.97 4.50 -3.56
N VAL A 164 21.18 3.51 -3.32
CA VAL A 164 19.78 3.63 -2.91
C VAL A 164 19.56 2.82 -1.65
N PHE A 165 18.89 3.42 -0.67
CA PHE A 165 18.47 2.79 0.57
C PHE A 165 16.94 2.92 0.64
N VAL A 166 16.30 1.82 0.98
CA VAL A 166 14.83 1.74 1.08
C VAL A 166 14.48 1.22 2.49
N SER A 167 13.62 1.92 3.21
CA SER A 167 13.09 1.38 4.48
C SER A 167 11.76 0.67 4.21
N ALA A 168 11.33 -0.15 5.18
CA ALA A 168 10.18 -1.08 4.99
C ALA A 168 10.32 -1.70 3.60
N ALA A 169 11.50 -2.26 3.30
CA ALA A 169 11.86 -2.51 1.91
C ALA A 169 11.13 -3.71 1.33
N SER A 170 10.60 -4.59 2.20
CA SER A 170 9.94 -5.81 1.68
C SER A 170 8.45 -5.55 1.53
N GLY A 171 7.99 -4.32 1.81
CA GLY A 171 6.56 -4.04 1.74
C GLY A 171 6.07 -3.77 0.34
N ALA A 172 4.78 -3.39 0.28
CA ALA A 172 4.07 -3.16 -0.96
C ALA A 172 4.79 -2.18 -1.90
N VAL A 173 5.23 -1.07 -1.36
CA VAL A 173 5.91 -0.01 -2.10
C VAL A 173 7.39 -0.34 -2.24
N GLY A 174 8.02 -0.61 -1.12
CA GLY A 174 9.48 -0.72 -1.09
C GLY A 174 9.98 -1.83 -1.97
N GLN A 175 9.27 -2.92 -2.08
CA GLN A 175 9.80 -4.07 -2.85
C GLN A 175 9.88 -3.69 -4.32
N LEU A 176 9.03 -2.75 -4.76
CA LEU A 176 9.03 -2.31 -6.18
C LEU A 176 10.14 -1.27 -6.33
N VAL A 177 10.22 -0.29 -5.41
CA VAL A 177 11.28 0.73 -5.52
C VAL A 177 12.62 -0.01 -5.70
N GLY A 178 12.91 -1.01 -4.86
CA GLY A 178 14.22 -1.66 -4.95
C GLY A 178 14.44 -2.33 -6.31
N GLN A 179 13.43 -3.00 -6.82
CA GLN A 179 13.52 -3.65 -8.14
C GLN A 179 13.73 -2.61 -9.24
N PHE A 180 13.00 -1.51 -9.23
CA PHE A 180 13.19 -0.40 -10.21
C PHE A 180 14.63 0.07 -10.14
N ALA A 181 15.14 0.29 -8.95
CA ALA A 181 16.49 0.77 -8.73
C ALA A 181 17.49 -0.26 -9.25
N LYS A 182 17.28 -1.55 -8.99
CA LYS A 182 18.21 -2.59 -9.51
C LYS A 182 18.20 -2.59 -11.03
N LEU A 183 17.05 -2.49 -11.65
CA LEU A 183 16.91 -2.48 -13.13
C LEU A 183 17.60 -1.27 -13.72
N LEU A 184 17.67 -0.15 -13.00
CA LEU A 184 18.34 1.07 -13.47
C LEU A 184 19.87 0.96 -13.30
N GLY A 185 20.37 -0.06 -12.63
CA GLY A 185 21.83 -0.19 -12.42
C GLY A 185 22.28 0.52 -11.17
N CYS A 186 21.39 0.70 -10.22
CA CYS A 186 21.74 1.25 -8.90
C CYS A 186 22.20 0.16 -7.93
N TYR A 187 22.98 0.53 -6.93
CA TYR A 187 23.31 -0.32 -5.79
C TYR A 187 22.24 -0.14 -4.73
N VAL A 188 21.59 -1.19 -4.31
CA VAL A 188 20.33 -1.08 -3.54
C VAL A 188 20.41 -1.89 -2.25
N VAL A 189 20.09 -1.28 -1.14
CA VAL A 189 20.00 -1.94 0.17
C VAL A 189 18.64 -1.66 0.77
N GLY A 190 18.08 -2.61 1.52
CA GLY A 190 16.79 -2.44 2.21
C GLY A 190 16.88 -2.77 3.68
N SER A 191 16.11 -2.09 4.49
CA SER A 191 15.88 -2.44 5.89
C SER A 191 14.50 -3.05 6.02
N ALA A 192 14.42 -4.07 6.87
CA ALA A 192 13.16 -4.72 7.20
C ALA A 192 13.22 -5.32 8.60
N GLY A 193 12.12 -5.86 9.09
CA GLY A 193 12.00 -6.18 10.53
C GLY A 193 12.20 -7.63 10.90
N SER A 194 12.62 -8.47 10.02
CA SER A 194 12.81 -9.90 10.32
C SER A 194 13.87 -10.48 9.42
N LYS A 195 14.39 -11.63 9.80
CA LYS A 195 15.31 -12.41 8.92
C LYS A 195 14.57 -12.84 7.66
N GLU A 196 13.31 -13.26 7.81
CA GLU A 196 12.53 -13.75 6.67
C GLU A 196 12.45 -12.62 5.62
N LYS A 197 12.21 -11.39 6.10
CA LYS A 197 12.07 -10.29 5.13
C LYS A 197 13.43 -9.89 4.52
N VAL A 198 14.50 -9.93 5.32
CA VAL A 198 15.86 -9.64 4.82
C VAL A 198 16.20 -10.65 3.74
N ASP A 199 15.90 -11.92 3.99
CA ASP A 199 16.23 -12.98 3.02
C ASP A 199 15.40 -12.78 1.73
N LEU A 200 14.13 -12.40 1.87
CA LEU A 200 13.29 -12.14 0.72
C LEU A 200 13.91 -11.01 -0.10
N LEU A 201 14.36 -9.91 0.54
CA LEU A 201 15.01 -8.79 -0.20
C LEU A 201 16.18 -9.27 -1.06
N LYS A 202 17.07 -10.04 -0.45
CA LYS A 202 18.28 -10.46 -1.19
C LYS A 202 17.92 -11.49 -2.27
N ASN A 203 17.02 -12.40 -1.95
CA ASN A 203 16.89 -13.61 -2.77
C ASN A 203 15.73 -13.53 -3.77
N LYS A 204 14.61 -12.93 -3.42
CA LYS A 204 13.48 -12.76 -4.37
C LYS A 204 13.59 -11.47 -5.15
N PHE A 205 13.98 -10.39 -4.50
CA PHE A 205 13.92 -9.05 -5.15
C PHE A 205 15.26 -8.63 -5.73
N GLY A 206 16.36 -9.31 -5.37
CA GLY A 206 17.70 -9.03 -5.94
C GLY A 206 18.33 -7.78 -5.39
N PHE A 207 17.95 -7.36 -4.18
CA PHE A 207 18.64 -6.24 -3.54
C PHE A 207 20.10 -6.68 -3.37
N ASP A 208 21.01 -5.72 -3.46
CA ASP A 208 22.45 -5.99 -3.20
C ASP A 208 22.64 -6.44 -1.76
N ASN A 209 21.93 -5.84 -0.84
CA ASN A 209 22.05 -6.26 0.56
C ASN A 209 20.80 -5.81 1.32
N ALA A 210 20.71 -6.23 2.56
CA ALA A 210 19.57 -5.91 3.42
C ALA A 210 19.95 -6.24 4.85
N PHE A 211 19.28 -5.62 5.78
CA PHE A 211 19.47 -5.87 7.22
C PHE A 211 18.19 -5.73 7.99
N ASN A 212 18.22 -6.37 9.15
CA ASN A 212 17.10 -6.40 10.10
C ASN A 212 17.30 -5.28 11.10
N TYR A 213 16.54 -4.20 10.96
CA TYR A 213 16.79 -3.02 11.82
C TYR A 213 16.50 -3.31 13.29
N LYS A 214 15.66 -4.29 13.57
CA LYS A 214 15.31 -4.59 14.97
C LYS A 214 16.49 -5.25 15.69
N GLU A 215 17.44 -5.82 14.95
CA GLU A 215 18.62 -6.51 15.53
C GLU A 215 19.86 -5.64 15.46
N GLU A 216 19.74 -4.37 15.05
CA GLU A 216 20.93 -3.52 14.89
C GLU A 216 20.91 -2.47 15.98
N PRO A 217 21.75 -2.55 17.01
CA PRO A 217 21.74 -1.51 18.04
C PRO A 217 22.24 -0.15 17.58
N ASP A 218 23.01 -0.17 16.51
CA ASP A 218 23.68 1.06 15.99
C ASP A 218 23.37 1.16 14.50
N LEU A 219 22.30 1.88 14.20
CA LEU A 219 21.87 2.04 12.80
C LEU A 219 22.89 2.77 11.97
N ASP A 220 23.61 3.74 12.55
CA ASP A 220 24.68 4.39 11.79
C ASP A 220 25.72 3.36 11.34
N ALA A 221 26.18 2.49 12.25
CA ALA A 221 27.18 1.48 11.85
C ALA A 221 26.60 0.53 10.80
N ALA A 222 25.31 0.17 10.87
CA ALA A 222 24.73 -0.74 9.88
C ALA A 222 24.79 -0.03 8.52
N LEU A 223 24.36 1.25 8.48
CA LEU A 223 24.34 1.92 7.17
C LEU A 223 25.76 2.07 6.62
N LYS A 224 26.75 2.35 7.48
CA LYS A 224 28.15 2.47 7.01
C LYS A 224 28.68 1.13 6.49
N ARG A 225 28.22 -0.01 7.02
CA ARG A 225 28.62 -1.38 6.58
C ARG A 225 28.23 -1.49 5.10
N TYR A 226 27.02 -1.04 4.77
CA TYR A 226 26.50 -1.28 3.42
C TYR A 226 26.79 -0.12 2.46
N PHE A 227 26.99 1.09 3.00
CA PHE A 227 27.20 2.30 2.19
C PHE A 227 28.47 3.01 2.64
N PRO A 228 29.65 2.43 2.33
CA PRO A 228 30.88 3.01 2.84
C PRO A 228 31.14 4.42 2.30
N GLU A 229 30.52 4.77 1.16
CA GLU A 229 30.63 6.13 0.60
C GLU A 229 29.33 6.88 0.56
N GLY A 230 28.37 6.42 1.35
CA GLY A 230 27.14 7.14 1.54
C GLY A 230 26.02 6.76 0.60
N ILE A 231 24.88 7.40 0.85
CA ILE A 231 23.57 7.12 0.23
C ILE A 231 23.21 8.25 -0.72
N ASP A 232 22.99 7.96 -2.00
CA ASP A 232 22.49 8.99 -2.92
C ASP A 232 20.99 9.25 -2.75
N ILE A 233 20.22 8.18 -2.57
CA ILE A 233 18.75 8.23 -2.49
C ILE A 233 18.34 7.42 -1.27
N TYR A 234 17.51 8.04 -0.44
CA TYR A 234 16.76 7.35 0.60
C TYR A 234 15.28 7.41 0.24
N PHE A 235 14.70 6.24 0.03
CA PHE A 235 13.24 6.13 -0.17
C PHE A 235 12.62 5.82 1.22
N GLU A 236 12.08 6.89 1.79
CA GLU A 236 11.64 6.91 3.21
C GLU A 236 10.21 6.45 3.35
N ASN A 237 10.06 5.28 4.01
CA ASN A 237 8.75 4.73 4.33
C ASN A 237 8.44 4.73 5.83
N VAL A 238 9.40 5.06 6.68
CA VAL A 238 9.24 4.74 8.11
C VAL A 238 9.42 5.94 9.03
N GLY A 239 10.37 6.81 8.80
CA GLY A 239 10.66 7.94 9.71
C GLY A 239 11.32 7.43 10.97
N GLY A 240 11.21 8.21 12.02
CA GLY A 240 11.78 7.86 13.33
C GLY A 240 13.28 7.63 13.31
N VAL A 241 13.71 6.62 14.06
CA VAL A 241 15.16 6.44 14.28
C VAL A 241 15.89 6.24 12.94
N MET A 242 15.27 5.57 11.97
CA MET A 242 15.96 5.28 10.72
C MET A 242 16.26 6.58 9.97
N LEU A 243 15.35 7.54 9.95
CA LEU A 243 15.60 8.84 9.29
C LEU A 243 16.79 9.55 9.93
N ASP A 244 16.87 9.53 11.26
CA ASP A 244 18.00 10.19 11.94
C ASP A 244 19.31 9.48 11.59
N ALA A 245 19.28 8.17 11.46
CA ALA A 245 20.50 7.39 11.14
C ALA A 245 20.93 7.66 9.69
N VAL A 246 19.96 7.82 8.78
CA VAL A 246 20.25 8.04 7.35
C VAL A 246 20.88 9.41 7.11
N LEU A 247 20.40 10.45 7.76
CA LEU A 247 20.77 11.84 7.41
C LEU A 247 22.27 12.05 7.39
N PRO A 248 23.08 11.59 8.39
CA PRO A 248 24.53 11.76 8.37
C PRO A 248 25.24 10.98 7.26
N ASN A 249 24.55 9.98 6.69
CA ASN A 249 25.11 9.07 5.68
C ASN A 249 24.71 9.48 4.25
N MET A 250 23.98 10.59 4.09
CA MET A 250 23.64 11.05 2.73
C MET A 250 24.89 11.57 2.02
N ARG A 251 24.90 11.34 0.70
CA ARG A 251 25.89 11.93 -0.22
C ARG A 251 25.51 13.38 -0.50
N VAL A 252 26.47 14.11 -1.01
CA VAL A 252 26.24 15.48 -1.46
C VAL A 252 25.22 15.42 -2.62
N HIS A 253 24.24 16.30 -2.58
CA HIS A 253 23.12 16.40 -3.56
C HIS A 253 22.28 15.09 -3.55
N GLY A 254 22.28 14.45 -2.40
CA GLY A 254 21.43 13.28 -2.13
C GLY A 254 19.98 13.74 -2.05
N ARG A 255 19.09 12.77 -2.18
CA ARG A 255 17.65 12.99 -2.18
C ARG A 255 17.01 12.06 -1.21
N ILE A 256 16.02 12.53 -0.52
CA ILE A 256 15.15 11.74 0.36
C ILE A 256 13.73 11.90 -0.16
N ALA A 257 13.17 10.82 -0.71
CA ALA A 257 11.76 10.82 -1.12
C ALA A 257 10.94 10.47 0.11
N VAL A 258 10.18 11.43 0.63
CA VAL A 258 9.42 11.17 1.85
C VAL A 258 8.04 10.63 1.42
N CYS A 259 7.98 9.29 1.31
CA CYS A 259 6.77 8.54 0.96
C CYS A 259 5.88 8.35 2.17
N GLY A 260 6.40 7.83 3.26
CA GLY A 260 5.66 7.59 4.50
C GLY A 260 6.54 7.67 5.71
N LEU A 261 5.86 7.69 6.86
CA LEU A 261 6.53 7.80 8.16
C LEU A 261 5.84 6.89 9.15
N ILE A 262 5.73 5.59 8.80
CA ILE A 262 4.80 4.71 9.54
C ILE A 262 5.15 4.55 11.01
N SER A 263 6.40 4.73 11.41
CA SER A 263 6.75 4.67 12.83
C SER A 263 6.03 5.75 13.66
N GLN A 264 5.41 6.76 13.05
CA GLN A 264 4.74 7.83 13.81
C GLN A 264 3.23 7.76 13.66
N TYR A 265 2.64 6.76 12.99
CA TYR A 265 1.20 6.85 12.64
C TYR A 265 0.32 6.62 13.88
N ASN A 266 0.84 6.05 14.96
CA ASN A 266 0.04 5.62 16.15
C ASN A 266 0.52 6.31 17.43
N ILE A 267 1.61 7.02 17.46
CA ILE A 267 2.27 7.60 18.69
C ILE A 267 3.48 8.48 18.28
N ASP A 268 3.79 9.55 19.04
CA ASP A 268 5.05 10.36 18.90
C ASP A 268 6.08 9.83 19.91
N GLU A 271 7.64 12.13 17.63
CA GLU A 271 9.06 11.65 17.51
C GLU A 271 9.86 12.68 16.71
N GLY A 272 10.90 13.30 17.29
CA GLY A 272 11.64 14.38 16.62
C GLY A 272 12.80 13.93 15.75
N CYS A 273 12.93 14.48 14.55
CA CYS A 273 14.08 14.29 13.66
C CYS A 273 15.15 15.33 14.03
N HIS A 274 16.31 14.86 14.49
CA HIS A 274 17.38 15.64 15.18
C HIS A 274 18.54 15.99 14.24
N ASN A 275 18.67 15.36 13.06
CA ASN A 275 19.93 15.45 12.23
C ASN A 275 19.69 16.30 10.97
N LEU A 276 18.74 17.23 11.00
CA LEU A 276 18.40 18.01 9.77
C LEU A 276 19.57 18.91 9.35
N MET A 277 20.55 19.15 10.23
CA MET A 277 21.73 19.94 9.79
C MET A 277 22.39 19.30 8.56
N TYR A 278 22.31 17.97 8.44
CA TYR A 278 22.90 17.31 7.29
C TYR A 278 22.19 17.65 5.97
N LEU A 279 20.94 18.17 6.00
CA LEU A 279 20.35 18.68 4.75
C LEU A 279 21.24 19.81 4.20
N ILE A 280 21.82 20.64 5.07
CA ILE A 280 22.68 21.74 4.65
C ILE A 280 24.05 21.20 4.27
N ILE A 281 24.67 20.46 5.19
CA ILE A 281 26.06 19.99 5.00
C ILE A 281 26.18 19.16 3.72
N LYS A 282 25.16 18.34 3.42
CA LYS A 282 25.15 17.50 2.23
C LYS A 282 24.23 18.01 1.12
N GLN A 283 23.67 19.22 1.26
CA GLN A 283 22.88 19.82 0.16
C GLN A 283 21.83 18.80 -0.36
N VAL A 284 21.01 18.33 0.53
CA VAL A 284 20.04 17.23 0.29
C VAL A 284 18.66 17.83 0.04
N ARG A 285 17.98 17.26 -0.94
CA ARG A 285 16.59 17.54 -1.25
C ARG A 285 15.69 16.50 -0.60
N MET A 286 14.89 16.91 0.36
CA MET A 286 13.98 16.02 1.11
C MET A 286 12.57 16.41 0.75
N GLN A 287 11.89 15.57 -0.01
CA GLN A 287 10.69 15.99 -0.71
C GLN A 287 9.56 14.99 -0.52
N GLY A 288 8.45 15.39 0.07
CA GLY A 288 7.23 14.58 0.17
C GLY A 288 6.41 14.60 -1.10
N PHE A 289 5.55 13.58 -1.22
CA PHE A 289 4.71 13.45 -2.42
C PHE A 289 3.47 12.65 -2.08
N LEU A 290 2.42 12.84 -2.86
CA LEU A 290 1.19 12.04 -2.76
C LEU A 290 0.95 11.36 -4.10
N VAL A 291 0.76 10.02 -4.04
CA VAL A 291 0.49 9.24 -5.25
C VAL A 291 -0.67 9.81 -6.07
N PHE A 292 -1.65 10.39 -5.40
CA PHE A 292 -2.86 10.92 -6.08
C PHE A 292 -2.49 11.94 -7.16
N SER A 293 -1.39 12.68 -6.99
CA SER A 293 -0.97 13.72 -7.96
C SER A 293 -0.35 13.11 -9.22
N TYR A 294 -0.18 11.77 -9.25
CA TYR A 294 0.48 11.09 -10.38
C TYR A 294 -0.43 10.08 -11.09
N TYR A 295 -1.71 10.04 -10.78
CA TYR A 295 -2.63 9.06 -11.39
C TYR A 295 -2.77 9.28 -12.90
N HIS A 296 -2.49 10.49 -13.39
CA HIS A 296 -2.43 10.76 -14.86
C HIS A 296 -1.39 9.86 -15.53
N LEU A 297 -0.42 9.30 -14.79
CA LEU A 297 0.62 8.42 -15.36
C LEU A 297 0.24 6.96 -15.29
N TYR A 298 -0.98 6.62 -14.82
CA TYR A 298 -1.31 5.21 -14.51
C TYR A 298 -1.23 4.38 -15.80
N GLU A 299 -1.78 4.87 -16.93
CA GLU A 299 -1.79 4.03 -18.14
C GLU A 299 -0.34 3.83 -18.64
N LYS A 300 0.50 4.83 -18.53
CA LYS A 300 1.92 4.73 -18.89
C LYS A 300 2.65 3.75 -17.97
N PHE A 301 2.32 3.79 -16.68
CA PHE A 301 2.83 2.79 -15.74
C PHE A 301 2.46 1.38 -16.16
N LEU A 302 1.17 1.14 -16.47
CA LEU A 302 0.72 -0.23 -16.83
C LEU A 302 1.44 -0.70 -18.10
N GLU A 303 1.69 0.22 -19.05
CA GLU A 303 2.41 -0.15 -20.30
C GLU A 303 3.82 -0.63 -19.99
N MET A 304 4.43 -0.14 -18.93
CA MET A 304 5.77 -0.62 -18.52
C MET A 304 5.65 -1.89 -17.70
N VAL A 305 4.78 -1.88 -16.69
CA VAL A 305 4.86 -2.93 -15.64
C VAL A 305 4.24 -4.25 -16.12
N LEU A 306 3.18 -4.21 -16.93
CA LEU A 306 2.54 -5.49 -17.32
C LEU A 306 3.53 -6.38 -18.06
N PRO A 307 4.18 -5.92 -19.15
CA PRO A 307 5.16 -6.75 -19.85
C PRO A 307 6.33 -7.21 -18.96
N ALA A 308 6.77 -6.34 -18.05
CA ALA A 308 7.86 -6.66 -17.11
C ALA A 308 7.44 -7.80 -16.19
N ILE A 309 6.21 -7.82 -15.73
CA ILE A 309 5.69 -8.93 -14.90
C ILE A 309 5.65 -10.18 -15.76
N LYS A 310 5.12 -10.08 -16.97
CA LYS A 310 5.01 -11.24 -17.90
C LYS A 310 6.39 -11.84 -18.19
N GLU A 311 7.40 -11.02 -18.46
CA GLU A 311 8.81 -11.37 -18.81
C GLU A 311 9.62 -11.77 -17.56
N GLY A 312 9.04 -11.64 -16.35
CA GLY A 312 9.72 -12.02 -15.09
C GLY A 312 10.80 -11.03 -14.68
N LYS A 313 10.79 -9.82 -15.24
CA LYS A 313 11.76 -8.77 -14.89
C LYS A 313 11.35 -8.14 -13.57
N LEU A 314 10.04 -8.14 -13.28
CA LEU A 314 9.55 -7.65 -11.98
C LEU A 314 8.72 -8.77 -11.36
N THR A 315 8.78 -8.84 -10.04
CA THR A 315 8.02 -9.85 -9.29
C THR A 315 7.32 -9.15 -8.13
N TYR A 316 6.46 -9.87 -7.44
CA TYR A 316 5.69 -9.28 -6.33
C TYR A 316 5.36 -10.32 -5.31
N VAL A 317 5.44 -9.94 -4.04
CA VAL A 317 5.06 -10.82 -2.90
C VAL A 317 3.91 -10.17 -2.17
N GLU A 318 2.82 -10.91 -2.06
CA GLU A 318 1.59 -10.57 -1.34
C GLU A 318 1.45 -11.46 -0.11
N ASP A 319 0.88 -10.90 0.91
CA ASP A 319 0.39 -11.56 2.13
C ASP A 319 -1.13 -11.63 2.03
N VAL A 320 -1.66 -12.83 1.84
CA VAL A 320 -3.11 -12.98 1.58
C VAL A 320 -3.75 -13.66 2.78
N VAL A 321 -4.75 -13.00 3.35
CA VAL A 321 -5.58 -13.60 4.39
C VAL A 321 -7.02 -13.76 3.88
N GLU A 322 -7.71 -14.74 4.43
CA GLU A 322 -9.03 -15.19 3.96
C GLU A 322 -10.19 -14.64 4.80
N GLY A 323 -11.09 -14.00 4.12
CA GLY A 323 -12.37 -13.57 4.72
C GLY A 323 -12.35 -12.18 5.30
N LEU A 324 -13.49 -11.49 5.26
CA LEU A 324 -13.62 -10.20 5.97
C LEU A 324 -13.26 -10.37 7.44
N GLU A 325 -13.54 -11.55 8.01
CA GLU A 325 -13.27 -11.83 9.43
C GLU A 325 -11.78 -11.60 9.75
N SER A 326 -10.90 -11.78 8.77
CA SER A 326 -9.45 -11.64 8.91
C SER A 326 -9.02 -10.17 8.78
N ALA A 327 -9.86 -9.30 8.28
CA ALA A 327 -9.45 -7.94 7.84
C ALA A 327 -9.03 -7.08 9.01
N PRO A 328 -9.72 -7.08 10.18
CA PRO A 328 -9.25 -6.21 11.26
C PRO A 328 -7.83 -6.57 11.72
N ALA A 329 -7.58 -7.84 11.94
CA ALA A 329 -6.23 -8.26 12.37
C ALA A 329 -5.19 -7.98 11.28
N ALA A 330 -5.53 -8.11 10.01
CA ALA A 330 -4.57 -7.84 8.92
C ALA A 330 -4.22 -6.34 8.89
N LEU A 331 -5.19 -5.46 9.08
CA LEU A 331 -4.95 -4.01 9.09
C LEU A 331 -4.09 -3.66 10.30
N ILE A 332 -4.42 -4.08 11.51
CA ILE A 332 -3.61 -3.72 12.69
C ILE A 332 -2.20 -4.32 12.54
N GLY A 333 -2.09 -5.50 11.90
CA GLY A 333 -0.79 -6.12 11.74
C GLY A 333 0.23 -5.28 10.97
N LEU A 334 -0.23 -4.38 10.10
CA LEU A 334 0.73 -3.51 9.39
C LEU A 334 1.67 -2.77 10.34
N TYR A 335 1.15 -2.37 11.50
CA TYR A 335 1.89 -1.52 12.46
C TYR A 335 2.78 -2.37 13.36
N ALA A 336 2.70 -3.72 13.21
CA ALA A 336 3.57 -4.69 13.91
C ALA A 336 4.51 -5.40 12.95
N GLY A 337 4.40 -5.10 11.65
CA GLY A 337 5.19 -5.82 10.63
C GLY A 337 4.71 -7.24 10.44
N ARG A 338 3.45 -7.53 10.74
CA ARG A 338 2.93 -8.92 10.61
C ARG A 338 2.85 -9.34 9.15
N ASN A 339 2.57 -8.40 8.26
CA ASN A 339 2.49 -8.70 6.82
C ASN A 339 3.86 -9.04 6.27
N VAL A 340 3.93 -10.04 5.41
CA VAL A 340 5.14 -10.31 4.59
C VAL A 340 4.84 -9.94 3.14
N GLY A 341 5.19 -8.71 2.76
CA GLY A 341 4.80 -8.20 1.44
C GLY A 341 3.44 -7.51 1.55
N LYS A 342 2.83 -7.26 0.42
CA LYS A 342 1.65 -6.44 0.32
C LYS A 342 0.43 -7.13 0.97
N GLN A 343 -0.21 -6.49 1.95
CA GLN A 343 -1.30 -7.13 2.70
C GLN A 343 -2.64 -7.05 1.92
N VAL A 344 -3.18 -8.23 1.61
CA VAL A 344 -4.44 -8.42 0.87
C VAL A 344 -5.39 -9.21 1.77
N VAL A 345 -6.68 -8.88 1.68
CA VAL A 345 -7.80 -9.69 2.19
C VAL A 345 -8.62 -10.24 1.03
N VAL A 346 -8.80 -11.56 0.99
CA VAL A 346 -9.71 -12.20 0.03
C VAL A 346 -11.11 -12.26 0.60
N VAL A 347 -12.00 -11.42 0.07
CA VAL A 347 -13.44 -11.43 0.49
C VAL A 347 -14.12 -12.56 -0.27
N SER A 348 -13.88 -12.61 -1.58
CA SER A 348 -14.47 -13.62 -2.46
C SER A 348 -13.60 -13.76 -3.72
N ARG A 349 -13.29 -14.96 -4.17
CA ARG A 349 -12.45 -15.12 -5.39
C ARG A 349 -13.26 -14.72 -6.63
N GLU A 350 -14.59 -14.85 -6.59
CA GLU A 350 -15.46 -14.51 -7.74
C GLU A 350 -16.79 -13.94 -7.24
PA NAP B . 4.09 -2.18 3.86
O1A NAP B . 3.55 -3.29 3.04
O2A NAP B . 5.56 -1.95 3.89
O5B NAP B . 3.60 -2.49 5.34
C5B NAP B . 4.00 -1.63 6.45
C4B NAP B . 5.36 -2.04 6.98
O4B NAP B . 5.80 -0.99 7.85
C3B NAP B . 5.33 -3.24 7.90
O3B NAP B . 5.32 -4.54 7.26
C2B NAP B . 6.62 -3.05 8.70
O2B NAP B . 7.69 -3.65 8.01
C1B NAP B . 6.87 -1.49 8.66
N9A NAP B . 6.69 -0.88 9.99
C8A NAP B . 5.57 -0.82 10.75
N7A NAP B . 5.73 -0.12 11.88
C5A NAP B . 7.06 0.21 11.85
C6A NAP B . 7.91 1.01 12.75
N6A NAP B . 7.36 1.40 13.92
N1A NAP B . 9.15 1.17 12.37
C2A NAP B . 9.62 0.72 11.19
N3A NAP B . 8.88 0.06 10.30
C4A NAP B . 7.64 -0.20 10.63
O3 NAP B . 3.31 -0.76 3.61
PN NAP B . 3.28 -0.04 2.15
O1N NAP B . 4.43 -0.52 1.31
O2N NAP B . 1.90 -0.04 1.66
O5D NAP B . 3.50 1.47 2.60
C5D NAP B . 4.89 1.83 2.96
C4D NAP B . 4.94 3.30 3.32
O4D NAP B . 4.53 4.07 2.16
C3D NAP B . 4.00 3.67 4.45
O3D NAP B . 4.64 4.62 5.35
C2D NAP B . 2.83 4.34 3.73
O2D NAP B . 2.12 5.26 4.55
C1D NAP B . 3.55 5.04 2.55
N1N NAP B . 2.71 5.34 1.40
C2N NAP B . 2.62 6.65 1.00
C3N NAP B . 1.92 6.93 -0.15
C7N NAP B . 1.92 8.33 -0.61
O7N NAP B . 2.85 9.20 -0.20
N7N NAP B . 1.17 8.64 -1.56
C4N NAP B . 1.19 5.93 -0.75
C5N NAP B . 1.30 4.63 -0.31
C6N NAP B . 2.05 4.32 0.81
P2B NAP B . 8.95 -4.25 8.85
O1X NAP B . 9.16 -3.41 10.08
O2X NAP B . 8.54 -5.64 9.18
O3X NAP B . 10.07 -4.12 7.90
C1 MPD C . -7.79 5.58 -7.63
C2 MPD C . -8.04 5.29 -9.10
O2 MPD C . -8.82 6.42 -9.42
CM MPD C . -8.74 3.93 -9.30
C3 MPD C . -6.78 5.34 -9.94
C4 MPD C . -7.06 5.45 -11.40
O4 MPD C . -7.75 6.67 -11.60
C5 MPD C . -5.83 5.62 -12.19
C1 EDO D . 7.00 -2.89 12.76
O1 EDO D . 7.62 -4.02 12.36
C2 EDO D . 6.87 -2.62 14.20
O2 EDO D . 7.61 -3.46 15.10
C4 FER E . 0.01 7.48 3.02
C5 FER E . 0.51 8.49 3.89
C6 FER E . -0.06 9.73 3.77
C3 FER E . -0.95 7.78 1.94
C2 FER E . -1.48 9.03 1.85
C1 FER E . -1.05 10.03 2.81
C10 FER E . -2.18 7.01 -0.03
C7 FER E . -1.68 11.41 2.72
C8 FER E . -2.90 11.67 2.14
C9 FER E . -3.42 13.06 2.15
O1 FER E . -4.47 13.43 1.49
O2 FER E . -2.73 13.86 2.81
O4 FER E . 0.36 6.18 3.07
O3 FER E . -1.38 6.74 1.14
NA NA F . 27.15 6.88 -6.24
NA NA G . 3.21 2.76 13.99
#